data_5ALU
#
_entry.id   5ALU
#
_cell.length_a   92.578
_cell.length_b   92.578
_cell.length_c   242.954
_cell.angle_alpha   90.00
_cell.angle_beta   90.00
_cell.angle_gamma   120.00
#
_symmetry.space_group_name_H-M   'P 65 2 2'
#
loop_
_entity.id
_entity.type
_entity.pdbx_description
1 polymer 'BIFUNCTIONAL EPOXIDE HYDROLASE 2'
2 non-polymer 4-cyclopentyl-N-[(1S,3R)-5-oxidanyl-2-adamantyl]-2-[[(3S)-oxolan-3-yl]amino]pyrimidine-5-carboxamide
3 non-polymer 'DIMETHYL SULFOXIDE'
4 water water
#
_entity_poly.entity_id   1
_entity_poly.type   'polypeptide(L)'
_entity_poly.pdbx_seq_one_letter_code
;GMTLRAAVFDLDGVLALPAVFGVLGRTEEALALPRGLLNDAFQKGGPEGATTRLMKGEITLSQWIPLMEENCRKCSETAK
VCLPKNFSIKEIFDKAISARKINRPMLQAALMLRKKGFTTAILTNTWLDDRAERDGLAQLMCELKMHFDFLIESCQVGMV
KPEPQIYKFLLDTLKASPSEVVFLDDIGANLKPARDLGMVTILVQDTDTALKELEKVTGIQLLNTPAPLPTSCNPSDMSH
GYVTVKPRVRLHFVELGSGPAVCLCHGFPESWYSWRYQIPALAQAGYRVLAMDMKGYGESSAPPEIEEYCMEVLCKEMVT
FLDKLGLSQAVFIGHDWGGMLVWYMALFYPERVRAVASLNTPFIPANPNMSPLESIKANPVFDYQLYFQEPGVAEAELEQ
NLSRTFKSLFRASDESVLSMHKVCEAGGLFVNSPEEPSLSRMVTEEEIQFYVQQFKKSGFRGPLNWYRNMERNWKWACKS
LGRKILIPALMVTAEKDFVLVPQMSQHMEDWIPHLKRGHIEDCGHWTQMDKPTEVNQILIKWLDSDARN
;
_entity_poly.pdbx_strand_id   A
#
loop_
_chem_comp.id
_chem_comp.type
_chem_comp.name
_chem_comp.formula
DMS non-polymer 'DIMETHYL SULFOXIDE' 'C2 H6 O S'
HD2 non-polymer 4-cyclopentyl-N-[(1S,3R)-5-oxidanyl-2-adamantyl]-2-[[(3S)-oxolan-3-yl]amino]pyrimidine-5-carboxamide 'C24 H34 N4 O3'
#
# COMPACT_ATOMS: atom_id res chain seq x y z
N THR A 3 -1.78 -23.85 -24.24
CA THR A 3 -2.31 -22.68 -23.52
C THR A 3 -1.30 -22.15 -22.49
N LEU A 4 -0.99 -20.86 -22.58
CA LEU A 4 -0.02 -20.22 -21.68
C LEU A 4 -0.58 -20.10 -20.28
N ARG A 5 0.25 -20.40 -19.28
CA ARG A 5 -0.13 -20.44 -17.86
C ARG A 5 0.89 -19.67 -16.98
N ALA A 6 2.05 -19.35 -17.54
CA ALA A 6 3.12 -18.68 -16.80
C ALA A 6 3.84 -17.65 -17.62
N ALA A 7 4.29 -16.56 -16.96
CA ALA A 7 5.02 -15.49 -17.63
C ALA A 7 6.27 -15.13 -16.83
N VAL A 8 7.42 -15.13 -17.52
CA VAL A 8 8.72 -14.88 -16.89
C VAL A 8 9.31 -13.59 -17.44
N PHE A 9 9.77 -12.75 -16.53
CA PHE A 9 10.35 -11.45 -16.86
C PHE A 9 11.78 -11.35 -16.36
N ASP A 10 12.61 -10.67 -17.13
CA ASP A 10 13.99 -10.37 -16.75
C ASP A 10 13.86 -9.05 -15.93
N LEU A 11 14.88 -8.69 -15.15
CA LEU A 11 14.82 -7.43 -14.41
C LEU A 11 15.43 -6.30 -15.27
N ASP A 12 16.75 -6.36 -15.49
CA ASP A 12 17.48 -5.34 -16.24
C ASP A 12 16.98 -5.28 -17.69
N GLY A 13 16.52 -4.09 -18.07
CA GLY A 13 16.01 -3.83 -19.42
C GLY A 13 14.60 -4.28 -19.69
N VAL A 14 13.93 -4.90 -18.70
CA VAL A 14 12.57 -5.42 -18.84
C VAL A 14 11.68 -4.84 -17.74
N LEU A 15 11.77 -5.34 -16.48
CA LEU A 15 10.99 -4.81 -15.36
C LEU A 15 11.59 -3.50 -14.79
N ALA A 16 12.88 -3.25 -15.07
CA ALA A 16 13.59 -2.05 -14.62
C ALA A 16 14.30 -1.36 -15.79
N LEU A 17 14.12 -0.02 -15.89
CA LEU A 17 14.71 0.80 -16.94
C LEU A 17 15.34 2.08 -16.40
N PRO A 18 16.44 2.58 -17.02
CA PRO A 18 17.19 2.01 -18.16
C PRO A 18 18.01 0.78 -17.74
N ALA A 19 18.39 -0.04 -18.70
CA ALA A 19 19.30 -1.18 -18.49
C ALA A 19 20.65 -0.60 -18.10
N VAL A 20 21.41 -1.30 -17.24
CA VAL A 20 22.77 -0.87 -16.81
C VAL A 20 23.66 -0.51 -18.01
N PHE A 21 23.72 -1.39 -19.03
CA PHE A 21 24.53 -1.12 -20.23
C PHE A 21 24.02 -0.01 -21.16
N GLY A 22 22.76 0.39 -20.99
CA GLY A 22 22.19 1.54 -21.67
C GLY A 22 22.83 2.79 -21.09
N VAL A 23 22.84 2.87 -19.74
CA VAL A 23 23.49 3.95 -18.98
C VAL A 23 24.98 3.97 -19.32
N LEU A 24 25.66 2.80 -19.27
CA LEU A 24 27.10 2.71 -19.53
C LEU A 24 27.54 3.14 -20.95
N GLY A 25 26.66 3.00 -21.94
CA GLY A 25 26.95 3.43 -23.31
C GLY A 25 27.12 4.93 -23.33
N ARG A 26 26.29 5.62 -22.54
CA ARG A 26 26.34 7.07 -22.36
C ARG A 26 27.57 7.47 -21.55
N THR A 27 27.92 6.70 -20.50
CA THR A 27 29.12 7.04 -19.71
C THR A 27 30.39 6.94 -20.59
N GLU A 28 30.47 5.88 -21.42
CA GLU A 28 31.55 5.59 -22.37
C GLU A 28 31.76 6.80 -23.31
N GLU A 29 30.66 7.30 -23.91
CA GLU A 29 30.64 8.45 -24.79
C GLU A 29 31.08 9.74 -24.04
N ALA A 30 30.53 9.98 -22.83
CA ALA A 30 30.88 11.16 -22.03
C ALA A 30 32.37 11.14 -21.62
N LEU A 31 32.92 9.95 -21.32
CA LEU A 31 34.35 9.83 -20.96
C LEU A 31 35.27 9.73 -22.19
N ALA A 32 34.67 9.77 -23.39
CA ALA A 32 35.28 9.68 -24.71
C ALA A 32 36.08 8.38 -24.90
N LEU A 33 35.62 7.29 -24.25
CA LEU A 33 36.28 5.99 -24.34
C LEU A 33 35.94 5.31 -25.67
N PRO A 34 36.76 4.34 -26.14
CA PRO A 34 36.39 3.63 -27.37
C PRO A 34 35.08 2.90 -27.14
N ARG A 35 34.21 2.93 -28.15
CA ARG A 35 32.90 2.28 -28.07
C ARG A 35 33.05 0.78 -27.75
N GLY A 36 32.27 0.31 -26.78
CA GLY A 36 32.26 -1.10 -26.41
C GLY A 36 33.32 -1.52 -25.40
N LEU A 37 34.25 -0.62 -25.01
CA LEU A 37 35.30 -0.95 -24.04
C LEU A 37 34.74 -1.45 -22.69
N LEU A 38 33.68 -0.80 -22.14
CA LEU A 38 33.10 -1.24 -20.86
C LEU A 38 32.42 -2.58 -21.00
N ASN A 39 31.69 -2.82 -22.11
CA ASN A 39 31.06 -4.12 -22.35
C ASN A 39 32.14 -5.19 -22.49
N ASP A 40 33.21 -4.87 -23.21
CA ASP A 40 34.28 -5.83 -23.42
C ASP A 40 35.00 -6.22 -22.14
N ALA A 41 35.28 -5.24 -21.27
CA ALA A 41 35.95 -5.48 -19.99
C ALA A 41 34.98 -6.21 -19.06
N PHE A 42 33.66 -5.91 -19.13
CA PHE A 42 32.60 -6.57 -18.35
C PHE A 42 32.51 -8.05 -18.73
N GLN A 43 32.54 -8.35 -20.03
CA GLN A 43 32.45 -9.73 -20.54
C GLN A 43 33.75 -10.52 -20.56
N LYS A 44 34.89 -9.86 -20.31
CA LYS A 44 36.21 -10.49 -20.37
C LYS A 44 36.31 -11.88 -19.71
N GLY A 45 36.75 -12.88 -20.49
CA GLY A 45 36.90 -14.27 -20.07
C GLY A 45 35.65 -15.12 -20.21
N GLY A 46 34.52 -14.49 -20.58
CA GLY A 46 33.20 -15.11 -20.75
C GLY A 46 32.78 -15.99 -19.59
N PRO A 47 32.49 -17.30 -19.84
CA PRO A 47 32.12 -18.22 -18.75
C PRO A 47 33.20 -18.44 -17.67
N GLU A 48 34.47 -18.13 -17.98
CA GLU A 48 35.60 -18.30 -17.05
C GLU A 48 36.00 -16.98 -16.35
N GLY A 49 35.39 -15.86 -16.76
CA GLY A 49 35.71 -14.53 -16.25
C GLY A 49 35.17 -14.14 -14.88
N ALA A 50 35.58 -12.95 -14.43
CA ALA A 50 35.23 -12.33 -13.15
C ALA A 50 33.72 -12.09 -13.02
N THR A 51 33.09 -11.60 -14.11
CA THR A 51 31.66 -11.31 -14.13
C THR A 51 30.79 -12.57 -14.00
N THR A 52 31.22 -13.69 -14.60
CA THR A 52 30.46 -14.96 -14.43
C THR A 52 30.52 -15.40 -12.95
N ARG A 53 31.70 -15.26 -12.31
CA ARG A 53 31.89 -15.58 -10.88
C ARG A 53 30.94 -14.70 -10.04
N LEU A 54 30.88 -13.40 -10.36
CA LEU A 54 29.99 -12.45 -9.71
C LEU A 54 28.54 -12.90 -9.86
N MET A 55 28.09 -13.10 -11.11
CA MET A 55 26.70 -13.49 -11.40
C MET A 55 26.30 -14.84 -10.79
N LYS A 56 27.26 -15.76 -10.57
CA LYS A 56 26.98 -17.08 -9.95
C LYS A 56 27.02 -17.05 -8.41
N GLY A 57 27.39 -15.89 -7.83
CA GLY A 57 27.48 -15.67 -6.39
C GLY A 57 28.78 -16.18 -5.78
N GLU A 58 29.83 -16.40 -6.60
CA GLU A 58 31.12 -16.89 -6.07
C GLU A 58 31.83 -15.77 -5.29
N ILE A 59 31.65 -14.52 -5.75
CA ILE A 59 32.25 -13.32 -5.17
C ILE A 59 31.18 -12.23 -5.08
N THR A 60 31.41 -11.23 -4.25
CA THR A 60 30.46 -10.12 -4.08
C THR A 60 30.76 -9.03 -5.08
N LEU A 61 29.85 -8.05 -5.20
CA LEU A 61 30.05 -6.91 -6.09
C LEU A 61 31.31 -6.12 -5.71
N SER A 62 31.56 -5.91 -4.39
CA SER A 62 32.77 -5.18 -3.94
C SER A 62 34.07 -5.93 -4.26
N GLN A 63 34.05 -7.27 -4.23
CA GLN A 63 35.22 -8.08 -4.61
C GLN A 63 35.44 -7.96 -6.14
N TRP A 64 34.36 -7.88 -6.89
CA TRP A 64 34.38 -7.79 -8.37
C TRP A 64 34.89 -6.44 -8.88
N ILE A 65 34.53 -5.33 -8.21
CA ILE A 65 34.93 -3.97 -8.65
C ILE A 65 36.41 -3.86 -9.09
N PRO A 66 37.42 -4.25 -8.26
CA PRO A 66 38.81 -4.16 -8.75
C PRO A 66 39.13 -5.11 -9.90
N LEU A 67 38.39 -6.25 -10.04
CA LEU A 67 38.64 -7.20 -11.14
C LEU A 67 38.21 -6.57 -12.48
N MET A 68 37.08 -5.84 -12.45
CA MET A 68 36.51 -5.09 -13.58
C MET A 68 37.49 -3.94 -13.95
N GLU A 69 38.08 -3.26 -12.92
CA GLU A 69 39.06 -2.18 -13.11
C GLU A 69 40.27 -2.72 -13.90
N GLU A 70 40.76 -3.92 -13.50
CA GLU A 70 41.89 -4.54 -14.19
C GLU A 70 41.54 -4.93 -15.61
N ASN A 71 40.30 -5.41 -15.84
CA ASN A 71 39.88 -5.75 -17.20
C ASN A 71 39.84 -4.49 -18.09
N CYS A 72 39.37 -3.37 -17.53
CA CYS A 72 39.32 -2.06 -18.20
C CYS A 72 40.70 -1.58 -18.58
N ARG A 73 41.72 -1.79 -17.70
CA ARG A 73 43.11 -1.42 -17.97
C ARG A 73 43.67 -2.28 -19.12
N LYS A 74 43.42 -3.60 -19.08
CA LYS A 74 43.85 -4.56 -20.09
C LYS A 74 43.25 -4.20 -21.45
N CYS A 75 41.92 -3.88 -21.46
CA CYS A 75 41.21 -3.49 -22.68
C CYS A 75 41.75 -2.19 -23.28
N SER A 76 41.94 -1.15 -22.43
CA SER A 76 42.51 0.14 -22.85
C SER A 76 43.95 0.00 -23.40
N GLU A 77 44.80 -0.84 -22.78
CA GLU A 77 46.17 -1.11 -23.23
C GLU A 77 46.17 -1.71 -24.65
N THR A 78 45.31 -2.71 -24.88
CA THR A 78 45.17 -3.40 -26.19
C THR A 78 44.62 -2.43 -27.26
N ALA A 79 43.63 -1.58 -26.91
CA ALA A 79 43.01 -0.59 -27.80
C ALA A 79 43.94 0.64 -28.03
N LYS A 80 45.11 0.68 -27.32
CA LYS A 80 46.10 1.77 -27.39
C LYS A 80 45.48 3.13 -27.06
N VAL A 81 44.71 3.13 -25.97
CA VAL A 81 44.05 4.32 -25.43
C VAL A 81 44.38 4.43 -23.94
N CYS A 82 44.26 5.65 -23.39
CA CYS A 82 44.50 5.90 -21.98
C CYS A 82 43.15 6.11 -21.30
N LEU A 83 42.91 5.42 -20.17
CA LEU A 83 41.68 5.61 -19.39
C LEU A 83 41.77 7.01 -18.75
N PRO A 84 40.66 7.79 -18.61
CA PRO A 84 40.78 9.12 -17.99
C PRO A 84 41.28 9.09 -16.54
N LYS A 85 41.91 10.19 -16.09
CA LYS A 85 42.50 10.36 -14.77
C LYS A 85 41.53 9.98 -13.62
N ASN A 86 40.27 10.44 -13.71
CA ASN A 86 39.19 10.23 -12.73
C ASN A 86 38.45 8.87 -12.84
N PHE A 87 38.92 7.95 -13.72
CA PHE A 87 38.27 6.64 -13.96
C PHE A 87 38.03 5.81 -12.69
N SER A 88 36.75 5.48 -12.43
CA SER A 88 36.30 4.71 -11.27
C SER A 88 35.10 3.81 -11.61
N ILE A 89 35.31 2.47 -11.56
CA ILE A 89 34.24 1.49 -11.82
C ILE A 89 33.17 1.64 -10.75
N LYS A 90 33.60 1.86 -9.49
CA LYS A 90 32.68 2.08 -8.38
C LYS A 90 31.66 3.20 -8.69
N GLU A 91 32.14 4.39 -9.11
CA GLU A 91 31.27 5.53 -9.44
C GLU A 91 30.35 5.24 -10.61
N ILE A 92 30.92 4.69 -11.70
CA ILE A 92 30.23 4.35 -12.95
C ILE A 92 29.07 3.40 -12.69
N PHE A 93 29.35 2.29 -11.96
CA PHE A 93 28.32 1.32 -11.62
C PHE A 93 27.30 1.83 -10.62
N ASP A 94 27.73 2.64 -9.62
CA ASP A 94 26.79 3.24 -8.65
C ASP A 94 25.72 4.06 -9.36
N LYS A 95 26.15 4.88 -10.33
CA LYS A 95 25.25 5.72 -11.12
C LYS A 95 24.28 4.90 -11.97
N ALA A 96 24.78 3.85 -12.66
CA ALA A 96 23.95 2.97 -13.50
C ALA A 96 22.91 2.25 -12.65
N ILE A 97 23.32 1.67 -11.49
CA ILE A 97 22.37 0.97 -10.61
C ILE A 97 21.28 1.94 -10.10
N SER A 98 21.70 3.15 -9.65
CA SER A 98 20.79 4.17 -9.13
C SER A 98 19.82 4.73 -10.19
N ALA A 99 20.23 4.79 -11.47
CA ALA A 99 19.37 5.31 -12.55
C ALA A 99 18.20 4.36 -12.83
N ARG A 100 18.39 3.05 -12.58
CA ARG A 100 17.39 2.00 -12.80
C ARG A 100 16.15 2.21 -11.93
N LYS A 101 14.98 2.28 -12.59
CA LYS A 101 13.68 2.47 -11.94
C LYS A 101 12.73 1.42 -12.47
N ILE A 102 11.64 1.13 -11.72
CA ILE A 102 10.64 0.16 -12.19
C ILE A 102 10.02 0.67 -13.48
N ASN A 103 9.93 -0.22 -14.48
CA ASN A 103 9.28 0.03 -15.74
C ASN A 103 7.80 -0.24 -15.44
N ARG A 104 7.07 0.81 -14.99
CA ARG A 104 5.66 0.73 -14.58
C ARG A 104 4.74 0.03 -15.58
N PRO A 105 4.76 0.33 -16.92
CA PRO A 105 3.90 -0.44 -17.84
C PRO A 105 4.18 -1.95 -17.86
N MET A 106 5.46 -2.38 -17.71
CA MET A 106 5.84 -3.81 -17.67
C MET A 106 5.29 -4.45 -16.39
N LEU A 107 5.48 -3.79 -15.23
CA LEU A 107 4.95 -4.30 -13.97
C LEU A 107 3.43 -4.41 -14.01
N GLN A 108 2.75 -3.40 -14.58
CA GLN A 108 1.29 -3.38 -14.74
C GLN A 108 0.84 -4.64 -15.50
N ALA A 109 1.52 -4.98 -16.63
CA ALA A 109 1.19 -6.16 -17.44
C ALA A 109 1.38 -7.45 -16.64
N ALA A 110 2.50 -7.58 -15.87
CA ALA A 110 2.76 -8.75 -15.01
C ALA A 110 1.63 -8.91 -13.99
N LEU A 111 1.18 -7.79 -13.40
CA LEU A 111 0.07 -7.76 -12.44
C LEU A 111 -1.26 -8.20 -13.05
N MET A 112 -1.55 -7.77 -14.28
CA MET A 112 -2.78 -8.14 -14.98
C MET A 112 -2.79 -9.65 -15.27
N LEU A 113 -1.65 -10.18 -15.77
CA LEU A 113 -1.53 -11.61 -16.05
C LEU A 113 -1.73 -12.45 -14.79
N ARG A 114 -1.12 -12.04 -13.66
CA ARG A 114 -1.27 -12.78 -12.40
C ARG A 114 -2.74 -12.75 -11.89
N LYS A 115 -3.42 -11.61 -12.08
CA LYS A 115 -4.80 -11.40 -11.71
C LYS A 115 -5.69 -12.32 -12.53
N LYS A 116 -5.26 -12.60 -13.79
CA LYS A 116 -5.97 -13.52 -14.70
C LYS A 116 -5.60 -15.01 -14.50
N GLY A 117 -4.78 -15.32 -13.49
CA GLY A 117 -4.44 -16.70 -13.17
C GLY A 117 -3.07 -17.22 -13.58
N PHE A 118 -2.24 -16.36 -14.20
CA PHE A 118 -0.89 -16.75 -14.57
C PHE A 118 0.00 -16.86 -13.35
N THR A 119 0.97 -17.78 -13.40
CA THR A 119 2.02 -17.88 -12.40
C THR A 119 3.08 -16.93 -12.98
N THR A 120 3.65 -16.02 -12.16
CA THR A 120 4.64 -15.09 -12.70
C THR A 120 5.97 -15.22 -11.99
N ALA A 121 7.05 -14.90 -12.68
CA ALA A 121 8.37 -14.99 -12.11
C ALA A 121 9.33 -13.99 -12.66
N ILE A 122 10.32 -13.63 -11.84
CA ILE A 122 11.43 -12.82 -12.28
C ILE A 122 12.63 -13.77 -12.34
N LEU A 123 13.33 -13.77 -13.48
CA LEU A 123 14.55 -14.55 -13.65
C LEU A 123 15.62 -13.55 -14.01
N THR A 124 16.62 -13.37 -13.14
CA THR A 124 17.60 -12.32 -13.30
C THR A 124 19.06 -12.69 -13.09
N ASN A 125 19.94 -12.13 -13.95
CA ASN A 125 21.39 -12.21 -13.77
C ASN A 125 21.71 -11.06 -12.82
N THR A 126 21.97 -11.38 -11.56
CA THR A 126 22.23 -10.41 -10.51
C THR A 126 23.43 -10.79 -9.65
N TRP A 127 23.79 -9.91 -8.72
CA TRP A 127 24.96 -10.06 -7.87
C TRP A 127 24.62 -9.92 -6.39
N LEU A 128 25.58 -10.31 -5.54
CA LEU A 128 25.53 -10.16 -4.09
C LEU A 128 26.07 -8.78 -3.83
N ASP A 129 25.16 -7.85 -3.52
CA ASP A 129 25.50 -6.43 -3.35
C ASP A 129 25.83 -6.06 -1.89
N ASP A 130 27.13 -5.81 -1.67
CA ASP A 130 27.65 -5.41 -0.37
C ASP A 130 28.18 -3.98 -0.41
N ARG A 131 27.79 -3.17 -1.43
CA ARG A 131 28.24 -1.77 -1.53
C ARG A 131 27.60 -1.01 -0.40
N ALA A 132 28.24 0.07 0.05
CA ALA A 132 27.67 0.92 1.09
C ALA A 132 26.27 1.45 0.67
N GLU A 133 26.05 1.63 -0.64
CA GLU A 133 24.80 2.12 -1.25
C GLU A 133 23.77 1.00 -1.63
N ARG A 134 24.00 -0.25 -1.20
CA ARG A 134 23.15 -1.42 -1.57
C ARG A 134 21.64 -1.30 -1.29
N ASP A 135 21.25 -0.45 -0.31
CA ASP A 135 19.84 -0.30 0.06
C ASP A 135 18.95 0.13 -1.10
N GLY A 136 19.48 1.00 -1.97
CA GLY A 136 18.74 1.48 -3.15
C GLY A 136 18.21 0.32 -3.97
N LEU A 137 19.10 -0.59 -4.36
CA LEU A 137 18.71 -1.78 -5.10
C LEU A 137 17.87 -2.73 -4.25
N ALA A 138 18.16 -2.88 -2.93
CA ALA A 138 17.35 -3.74 -2.03
C ALA A 138 15.89 -3.26 -2.02
N GLN A 139 15.66 -1.93 -1.92
CA GLN A 139 14.30 -1.34 -1.93
C GLN A 139 13.58 -1.64 -3.23
N LEU A 140 14.27 -1.48 -4.38
CA LEU A 140 13.68 -1.73 -5.70
C LEU A 140 13.24 -3.18 -5.81
N MET A 141 14.15 -4.12 -5.45
CA MET A 141 13.85 -5.55 -5.50
C MET A 141 12.70 -5.93 -4.58
N CYS A 142 12.63 -5.31 -3.39
CA CYS A 142 11.55 -5.52 -2.43
C CYS A 142 10.21 -5.11 -2.97
N GLU A 143 10.13 -3.93 -3.60
CA GLU A 143 8.88 -3.45 -4.20
C GLU A 143 8.46 -4.40 -5.33
N LEU A 144 9.38 -4.76 -6.23
CA LEU A 144 9.06 -5.66 -7.35
C LEU A 144 8.66 -7.07 -6.96
N LYS A 145 9.53 -7.79 -6.20
CA LYS A 145 9.36 -9.22 -5.86
C LYS A 145 8.01 -9.60 -5.27
N MET A 146 7.39 -8.70 -4.48
CA MET A 146 6.11 -9.00 -3.84
C MET A 146 4.90 -9.16 -4.79
N HIS A 147 5.04 -8.74 -6.07
CA HIS A 147 3.99 -8.84 -7.09
C HIS A 147 4.14 -10.11 -7.92
N PHE A 148 5.16 -10.93 -7.60
CA PHE A 148 5.46 -12.15 -8.35
C PHE A 148 5.42 -13.40 -7.49
N ASP A 149 5.13 -14.56 -8.12
CA ASP A 149 5.13 -15.85 -7.42
C ASP A 149 6.55 -16.31 -7.11
N PHE A 150 7.51 -15.99 -7.99
CA PHE A 150 8.91 -16.40 -7.85
C PHE A 150 9.91 -15.35 -8.29
N LEU A 151 11.04 -15.31 -7.57
CA LEU A 151 12.19 -14.50 -7.90
C LEU A 151 13.37 -15.47 -7.93
N ILE A 152 13.99 -15.63 -9.09
CA ILE A 152 15.14 -16.53 -9.28
C ILE A 152 16.31 -15.65 -9.66
N GLU A 153 17.31 -15.59 -8.77
CA GLU A 153 18.51 -14.78 -8.92
C GLU A 153 19.69 -15.66 -9.17
N SER A 154 20.41 -15.39 -10.26
CA SER A 154 21.61 -16.11 -10.67
C SER A 154 22.59 -16.37 -9.51
N CYS A 155 22.89 -15.31 -8.71
CA CYS A 155 23.84 -15.38 -7.59
C CYS A 155 23.35 -16.24 -6.41
N GLN A 156 22.06 -16.56 -6.38
CA GLN A 156 21.52 -17.41 -5.31
C GLN A 156 21.44 -18.88 -5.76
N VAL A 157 21.29 -19.11 -7.06
CA VAL A 157 21.17 -20.48 -7.60
C VAL A 157 22.48 -21.03 -8.19
N GLY A 158 23.49 -20.17 -8.31
CA GLY A 158 24.82 -20.52 -8.83
C GLY A 158 24.84 -20.85 -10.31
N MET A 159 23.90 -20.28 -11.08
CA MET A 159 23.76 -20.51 -12.51
C MET A 159 23.46 -19.17 -13.13
N VAL A 160 23.75 -19.00 -14.43
CA VAL A 160 23.51 -17.73 -15.12
C VAL A 160 22.81 -17.92 -16.47
N LYS A 161 22.09 -16.89 -16.95
CA LYS A 161 21.56 -16.93 -18.31
C LYS A 161 22.76 -16.50 -19.16
N PRO A 162 23.05 -17.14 -20.31
CA PRO A 162 22.24 -18.10 -21.06
C PRO A 162 22.55 -19.59 -20.88
N GLU A 163 23.06 -20.03 -19.72
CA GLU A 163 23.34 -21.47 -19.52
C GLU A 163 22.05 -22.28 -19.52
N PRO A 164 22.01 -23.44 -20.18
CA PRO A 164 20.76 -24.20 -20.27
C PRO A 164 20.16 -24.70 -18.96
N GLN A 165 21.01 -25.02 -17.94
CA GLN A 165 20.56 -25.52 -16.64
C GLN A 165 19.63 -24.56 -15.92
N ILE A 166 19.84 -23.24 -16.04
CA ILE A 166 18.98 -22.26 -15.33
C ILE A 166 17.56 -22.29 -15.87
N TYR A 167 17.38 -22.61 -17.17
CA TYR A 167 16.07 -22.72 -17.82
C TYR A 167 15.33 -23.96 -17.31
N LYS A 168 16.06 -25.08 -17.12
CA LYS A 168 15.48 -26.31 -16.57
C LYS A 168 15.07 -26.05 -15.10
N PHE A 169 15.89 -25.28 -14.35
CA PHE A 169 15.60 -24.88 -12.97
C PHE A 169 14.31 -24.05 -12.94
N LEU A 170 14.20 -23.05 -13.84
CA LEU A 170 13.01 -22.20 -13.96
C LEU A 170 11.75 -23.07 -14.14
N LEU A 171 11.81 -24.03 -15.10
CA LEU A 171 10.68 -24.91 -15.41
C LEU A 171 10.25 -25.76 -14.23
N ASP A 172 11.24 -26.26 -13.46
CA ASP A 172 11.01 -27.05 -12.25
C ASP A 172 10.30 -26.16 -11.18
N THR A 173 10.79 -24.92 -11.00
CA THR A 173 10.24 -23.94 -10.06
C THR A 173 8.79 -23.60 -10.43
N LEU A 174 8.54 -23.34 -11.72
CA LEU A 174 7.20 -23.00 -12.21
C LEU A 174 6.21 -24.17 -12.17
N LYS A 175 6.69 -25.43 -12.21
CA LYS A 175 5.82 -26.63 -12.29
C LYS A 175 4.94 -26.49 -13.54
N ALA A 176 5.58 -26.17 -14.67
CA ALA A 176 4.91 -25.96 -15.96
C ALA A 176 5.76 -26.52 -17.08
N SER A 177 5.10 -26.92 -18.18
CA SER A 177 5.79 -27.42 -19.37
C SER A 177 6.26 -26.20 -20.16
N PRO A 178 7.36 -26.29 -20.95
CA PRO A 178 7.82 -25.10 -21.70
C PRO A 178 6.80 -24.41 -22.59
N SER A 179 5.86 -25.16 -23.24
CA SER A 179 4.84 -24.57 -24.12
C SER A 179 3.83 -23.70 -23.37
N GLU A 180 3.76 -23.83 -22.04
CA GLU A 180 2.87 -23.08 -21.15
C GLU A 180 3.50 -21.78 -20.67
N VAL A 181 4.75 -21.52 -21.06
CA VAL A 181 5.49 -20.35 -20.59
C VAL A 181 5.77 -19.34 -21.66
N VAL A 182 5.60 -18.05 -21.28
CA VAL A 182 6.01 -16.92 -22.07
C VAL A 182 7.17 -16.24 -21.32
N PHE A 183 8.28 -16.06 -22.03
CA PHE A 183 9.53 -15.58 -21.47
C PHE A 183 9.93 -14.26 -22.15
N LEU A 184 10.12 -13.20 -21.35
CA LEU A 184 10.46 -11.87 -21.86
C LEU A 184 11.85 -11.45 -21.44
N ASP A 185 12.68 -11.07 -22.41
CA ASP A 185 14.06 -10.67 -22.15
C ASP A 185 14.52 -9.65 -23.21
N ASP A 186 15.41 -8.73 -22.84
CA ASP A 186 15.94 -7.73 -23.79
C ASP A 186 17.23 -8.26 -24.46
N ILE A 187 17.73 -9.43 -24.01
CA ILE A 187 18.97 -10.03 -24.54
C ILE A 187 18.60 -11.24 -25.40
N GLY A 188 18.79 -11.10 -26.70
CA GLY A 188 18.48 -12.15 -27.68
C GLY A 188 19.12 -13.51 -27.37
N ALA A 189 20.39 -13.50 -26.94
CA ALA A 189 21.10 -14.73 -26.60
C ALA A 189 20.45 -15.44 -25.40
N ASN A 190 19.78 -14.69 -24.50
CA ASN A 190 19.10 -15.26 -23.31
C ASN A 190 17.73 -15.88 -23.64
N LEU A 191 17.15 -15.53 -24.82
CA LEU A 191 15.89 -16.09 -25.28
C LEU A 191 16.10 -17.44 -25.96
N LYS A 192 17.25 -17.59 -26.67
CA LYS A 192 17.58 -18.83 -27.40
C LYS A 192 17.37 -20.12 -26.60
N PRO A 193 17.88 -20.29 -25.35
CA PRO A 193 17.66 -21.57 -24.64
C PRO A 193 16.20 -21.81 -24.28
N ALA A 194 15.43 -20.73 -24.01
CA ALA A 194 14.01 -20.80 -23.67
C ALA A 194 13.24 -21.26 -24.92
N ARG A 195 13.55 -20.64 -26.08
CA ARG A 195 12.96 -20.98 -27.38
CA ARG A 195 12.96 -20.99 -27.36
C ARG A 195 13.29 -22.46 -27.66
N ASP A 196 14.58 -22.84 -27.48
CA ASP A 196 15.11 -24.20 -27.67
C ASP A 196 14.25 -25.23 -26.94
N LEU A 197 13.80 -24.93 -25.70
CA LEU A 197 12.93 -25.82 -24.92
C LEU A 197 11.45 -25.82 -25.36
N GLY A 198 11.05 -24.82 -26.14
CA GLY A 198 9.68 -24.69 -26.63
C GLY A 198 8.85 -23.60 -25.96
N MET A 199 9.51 -22.65 -25.25
CA MET A 199 8.77 -21.55 -24.61
C MET A 199 8.48 -20.46 -25.64
N VAL A 200 7.41 -19.67 -25.41
CA VAL A 200 7.13 -18.48 -26.23
C VAL A 200 8.12 -17.42 -25.71
N THR A 201 8.78 -16.73 -26.61
CA THR A 201 9.75 -15.71 -26.23
C THR A 201 9.42 -14.40 -26.89
N ILE A 202 9.71 -13.33 -26.17
CA ILE A 202 9.52 -11.96 -26.62
C ILE A 202 10.81 -11.22 -26.34
N LEU A 203 11.38 -10.63 -27.39
CA LEU A 203 12.58 -9.80 -27.31
C LEU A 203 12.08 -8.39 -27.02
N VAL A 204 12.48 -7.89 -25.85
CA VAL A 204 12.05 -6.59 -25.35
C VAL A 204 13.03 -5.51 -25.85
N GLN A 205 12.68 -4.84 -26.96
CA GLN A 205 13.49 -3.73 -27.49
C GLN A 205 12.96 -2.42 -27.02
N ASP A 206 11.62 -2.31 -27.00
CA ASP A 206 10.81 -1.18 -26.53
C ASP A 206 9.60 -1.82 -25.88
N THR A 207 9.19 -1.28 -24.71
CA THR A 207 8.08 -1.81 -23.90
C THR A 207 6.75 -1.97 -24.65
N ASP A 208 6.29 -0.94 -25.37
CA ASP A 208 5.01 -0.99 -26.10
C ASP A 208 4.90 -2.18 -27.06
N THR A 209 5.92 -2.37 -27.91
CA THR A 209 5.95 -3.48 -28.91
C THR A 209 5.97 -4.82 -28.19
N ALA A 210 6.82 -4.96 -27.15
CA ALA A 210 6.90 -6.20 -26.36
C ALA A 210 5.52 -6.55 -25.75
N LEU A 211 4.82 -5.55 -25.16
CA LEU A 211 3.49 -5.78 -24.56
C LEU A 211 2.44 -6.11 -25.62
N LYS A 212 2.60 -5.59 -26.85
CA LYS A 212 1.69 -5.92 -27.97
C LYS A 212 1.86 -7.38 -28.33
N GLU A 213 3.13 -7.86 -28.40
CA GLU A 213 3.39 -9.29 -28.67
C GLU A 213 2.80 -10.14 -27.52
N LEU A 214 2.98 -9.68 -26.27
CA LEU A 214 2.47 -10.40 -25.08
C LEU A 214 0.95 -10.47 -25.04
N GLU A 215 0.30 -9.37 -25.41
CA GLU A 215 -1.15 -9.24 -25.48
C GLU A 215 -1.72 -10.23 -26.53
N LYS A 216 -1.09 -10.29 -27.71
CA LYS A 216 -1.52 -11.19 -28.80
C LYS A 216 -1.36 -12.68 -28.44
N VAL A 217 -0.21 -13.06 -27.85
CA VAL A 217 0.04 -14.44 -27.49
C VAL A 217 -0.79 -14.98 -26.30
N THR A 218 -1.13 -14.12 -25.33
CA THR A 218 -1.92 -14.51 -24.15
C THR A 218 -3.43 -14.31 -24.38
N GLY A 219 -3.79 -13.41 -25.30
CA GLY A 219 -5.18 -13.06 -25.58
C GLY A 219 -5.80 -12.26 -24.45
N ILE A 220 -4.94 -11.58 -23.66
CA ILE A 220 -5.31 -10.75 -22.49
C ILE A 220 -4.90 -9.31 -22.79
N GLN A 221 -5.82 -8.35 -22.58
CA GLN A 221 -5.58 -6.94 -22.80
C GLN A 221 -4.59 -6.40 -21.76
N LEU A 222 -3.44 -5.88 -22.22
CA LEU A 222 -2.39 -5.39 -21.31
C LEU A 222 -2.10 -3.92 -21.56
N LEU A 223 -2.27 -3.49 -22.81
CA LEU A 223 -2.07 -2.10 -23.18
C LEU A 223 -3.42 -1.41 -23.21
N ASN A 224 -3.42 -0.10 -22.99
CA ASN A 224 -4.62 0.74 -23.04
C ASN A 224 -5.69 0.34 -22.01
N THR A 225 -5.32 -0.35 -20.94
CA THR A 225 -6.26 -0.82 -19.90
C THR A 225 -6.76 0.34 -19.01
N PRO A 226 -7.90 0.17 -18.30
CA PRO A 226 -8.29 1.21 -17.33
C PRO A 226 -7.24 1.29 -16.22
N ALA A 227 -7.18 2.42 -15.52
CA ALA A 227 -6.22 2.63 -14.44
C ALA A 227 -6.45 1.56 -13.37
N PRO A 228 -5.41 0.77 -13.00
CA PRO A 228 -5.62 -0.28 -11.98
C PRO A 228 -5.82 0.31 -10.58
N LEU A 229 -6.41 -0.47 -9.67
CA LEU A 229 -6.59 -0.05 -8.27
C LEU A 229 -5.19 -0.09 -7.59
N PRO A 230 -4.95 0.65 -6.50
CA PRO A 230 -3.67 0.48 -5.79
C PRO A 230 -3.56 -0.95 -5.24
N THR A 231 -2.35 -1.40 -4.85
CA THR A 231 -2.10 -2.73 -4.25
C THR A 231 -2.95 -2.86 -2.97
N SER A 232 -3.61 -4.02 -2.76
CA SER A 232 -4.41 -4.27 -1.56
C SER A 232 -3.59 -5.14 -0.58
N CYS A 233 -4.22 -5.65 0.49
CA CYS A 233 -3.54 -6.49 1.49
C CYS A 233 -4.21 -7.80 1.51
N ASN A 234 -3.42 -8.86 1.67
CA ASN A 234 -3.90 -10.21 1.91
C ASN A 234 -3.66 -10.36 3.42
N PRO A 235 -4.73 -10.43 4.26
CA PRO A 235 -4.55 -10.51 5.72
C PRO A 235 -3.51 -11.52 6.24
N SER A 236 -3.44 -12.69 5.61
CA SER A 236 -2.51 -13.76 6.01
C SER A 236 -1.02 -13.47 5.71
N ASP A 237 -0.73 -12.42 4.92
CA ASP A 237 0.64 -12.03 4.57
C ASP A 237 1.13 -10.81 5.34
N MET A 238 0.30 -10.27 6.23
CA MET A 238 0.69 -9.07 6.97
C MET A 238 1.33 -9.46 8.30
N SER A 239 2.08 -8.53 8.87
CA SER A 239 2.61 -8.70 10.21
C SER A 239 1.48 -8.19 11.10
N HIS A 240 1.07 -9.02 12.04
CA HIS A 240 0.01 -8.72 12.99
C HIS A 240 0.62 -8.44 14.35
N GLY A 241 0.28 -7.29 14.92
CA GLY A 241 0.78 -6.84 16.22
C GLY A 241 -0.30 -6.76 17.28
N TYR A 242 0.08 -7.05 18.54
CA TYR A 242 -0.84 -7.07 19.69
C TYR A 242 -0.22 -6.39 20.91
N VAL A 243 -0.92 -5.38 21.45
CA VAL A 243 -0.46 -4.61 22.61
C VAL A 243 -1.56 -4.63 23.68
N THR A 244 -1.24 -5.06 24.93
CA THR A 244 -2.20 -4.97 26.04
C THR A 244 -2.07 -3.53 26.62
N VAL A 245 -3.16 -2.74 26.53
CA VAL A 245 -3.16 -1.35 27.04
C VAL A 245 -3.57 -1.25 28.49
N LYS A 246 -4.33 -2.24 28.95
CA LYS A 246 -4.80 -2.39 30.32
C LYS A 246 -5.23 -3.86 30.54
N PRO A 247 -5.36 -4.38 31.81
CA PRO A 247 -5.65 -5.81 32.00
C PRO A 247 -6.69 -6.45 31.09
N ARG A 248 -7.81 -5.80 30.86
CA ARG A 248 -8.79 -6.46 30.00
C ARG A 248 -8.78 -6.01 28.53
N VAL A 249 -7.90 -5.04 28.15
CA VAL A 249 -7.90 -4.49 26.77
C VAL A 249 -6.60 -4.67 26.02
N ARG A 250 -6.68 -5.38 24.90
CA ARG A 250 -5.57 -5.56 23.98
C ARG A 250 -5.96 -4.93 22.65
N LEU A 251 -5.01 -4.24 22.00
CA LEU A 251 -5.28 -3.65 20.70
C LEU A 251 -4.48 -4.37 19.65
N HIS A 252 -5.15 -4.75 18.55
CA HIS A 252 -4.54 -5.42 17.42
C HIS A 252 -4.29 -4.41 16.31
N PHE A 253 -3.18 -4.59 15.59
CA PHE A 253 -2.83 -3.77 14.44
C PHE A 253 -2.06 -4.57 13.42
N VAL A 254 -2.10 -4.09 12.18
CA VAL A 254 -1.33 -4.62 11.08
C VAL A 254 -0.21 -3.58 10.84
N GLU A 255 1.01 -4.05 10.62
CA GLU A 255 2.17 -3.18 10.46
C GLU A 255 2.96 -3.45 9.20
N LEU A 256 3.30 -2.38 8.49
CA LEU A 256 4.07 -2.48 7.26
C LEU A 256 4.92 -1.25 7.03
N GLY A 257 6.16 -1.48 6.62
CA GLY A 257 7.08 -0.40 6.28
C GLY A 257 7.96 0.10 7.40
N SER A 258 8.81 1.06 7.03
CA SER A 258 9.77 1.75 7.89
C SER A 258 9.69 3.25 7.62
N GLY A 259 10.05 4.02 8.64
CA GLY A 259 10.05 5.48 8.61
C GLY A 259 9.17 6.05 9.71
N PRO A 260 8.69 7.29 9.56
CA PRO A 260 7.80 7.87 10.58
C PRO A 260 6.55 7.00 10.78
N ALA A 261 6.14 6.80 12.04
CA ALA A 261 4.94 6.00 12.35
C ALA A 261 3.67 6.75 11.94
N VAL A 262 2.79 6.05 11.22
CA VAL A 262 1.49 6.55 10.74
C VAL A 262 0.45 5.60 11.26
N CYS A 263 -0.36 6.09 12.19
CA CYS A 263 -1.40 5.30 12.83
C CYS A 263 -2.76 5.59 12.16
N LEU A 264 -3.33 4.58 11.48
CA LEU A 264 -4.61 4.63 10.74
C LEU A 264 -5.73 4.12 11.63
N CYS A 265 -6.78 4.95 11.78
CA CYS A 265 -7.92 4.75 12.66
C CYS A 265 -9.23 4.72 11.88
N HIS A 266 -9.79 3.53 11.74
CA HIS A 266 -11.01 3.27 10.96
C HIS A 266 -12.30 3.81 11.61
N GLY A 267 -13.37 3.79 10.83
CA GLY A 267 -14.66 4.25 11.31
C GLY A 267 -15.61 3.14 11.69
N PHE A 268 -16.90 3.49 11.75
CA PHE A 268 -17.96 2.59 12.13
C PHE A 268 -18.75 2.10 10.91
N PRO A 269 -19.03 0.77 10.79
CA PRO A 269 -18.56 -0.35 11.62
C PRO A 269 -17.49 -1.04 10.78
N GLU A 270 -16.22 -0.67 11.00
CA GLU A 270 -15.20 -1.13 10.09
C GLU A 270 -14.11 -2.03 10.66
N SER A 271 -12.88 -1.90 10.16
CA SER A 271 -11.78 -2.81 10.45
C SER A 271 -10.48 -2.16 10.01
N TRP A 272 -9.31 -2.75 10.42
CA TRP A 272 -8.01 -2.32 9.90
C TRP A 272 -8.03 -2.45 8.35
N TYR A 273 -8.82 -3.45 7.85
CA TYR A 273 -8.94 -3.83 6.43
C TYR A 273 -9.57 -2.74 5.56
N SER A 274 -10.25 -1.76 6.16
CA SER A 274 -10.78 -0.61 5.43
C SER A 274 -9.65 0.22 4.85
N TRP A 275 -8.41 0.10 5.42
CA TRP A 275 -7.20 0.79 4.94
C TRP A 275 -6.37 -0.08 3.96
N ARG A 276 -6.91 -1.24 3.50
CA ARG A 276 -6.18 -2.16 2.62
C ARG A 276 -5.48 -1.52 1.41
N TYR A 277 -6.10 -0.51 0.76
CA TYR A 277 -5.50 0.17 -0.38
C TYR A 277 -4.47 1.24 0.01
N GLN A 278 -4.50 1.66 1.28
CA GLN A 278 -3.55 2.68 1.76
C GLN A 278 -2.29 2.06 2.34
N ILE A 279 -2.42 0.93 3.06
CA ILE A 279 -1.27 0.32 3.75
C ILE A 279 -0.03 0.11 2.84
N PRO A 280 -0.13 -0.64 1.71
CA PRO A 280 1.05 -0.81 0.84
C PRO A 280 1.60 0.49 0.27
N ALA A 281 0.73 1.37 -0.21
CA ALA A 281 1.09 2.68 -0.79
C ALA A 281 1.85 3.56 0.22
N LEU A 282 1.33 3.71 1.47
CA LEU A 282 1.98 4.54 2.50
C LEU A 282 3.36 3.95 2.88
N ALA A 283 3.46 2.61 3.01
CA ALA A 283 4.75 1.94 3.30
C ALA A 283 5.76 2.19 2.16
N GLN A 284 5.32 2.02 0.90
CA GLN A 284 6.18 2.28 -0.28
C GLN A 284 6.64 3.74 -0.31
N ALA A 285 5.78 4.68 0.17
CA ALA A 285 6.04 6.11 0.26
C ALA A 285 7.06 6.51 1.35
N GLY A 286 7.47 5.56 2.19
CA GLY A 286 8.52 5.73 3.20
C GLY A 286 8.04 5.92 4.63
N TYR A 287 6.91 5.27 4.95
CA TYR A 287 6.28 5.36 6.27
C TYR A 287 6.10 3.99 6.91
N ARG A 288 6.12 3.98 8.24
CA ARG A 288 5.84 2.78 9.03
C ARG A 288 4.38 2.88 9.41
N VAL A 289 3.57 2.06 8.75
CA VAL A 289 2.11 2.06 8.91
C VAL A 289 1.66 1.14 10.03
N LEU A 290 0.79 1.64 10.90
CA LEU A 290 0.17 0.87 11.97
C LEU A 290 -1.34 0.98 11.74
N ALA A 291 -1.96 -0.05 11.17
CA ALA A 291 -3.41 0.00 10.87
C ALA A 291 -4.18 -0.71 11.97
N MET A 292 -4.88 0.06 12.77
CA MET A 292 -5.56 -0.49 13.94
C MET A 292 -6.83 -1.23 13.63
N ASP A 293 -7.17 -2.13 14.54
CA ASP A 293 -8.50 -2.62 14.80
C ASP A 293 -8.80 -1.75 16.03
N MET A 294 -9.71 -0.79 15.90
CA MET A 294 -10.02 0.11 17.03
C MET A 294 -10.71 -0.71 18.13
N LYS A 295 -10.73 -0.20 19.35
CA LYS A 295 -11.40 -0.89 20.47
C LYS A 295 -12.85 -1.25 20.11
N GLY A 296 -13.20 -2.52 20.35
CA GLY A 296 -14.51 -3.12 20.06
C GLY A 296 -14.56 -3.86 18.72
N TYR A 297 -13.45 -3.85 17.97
CA TYR A 297 -13.40 -4.43 16.63
C TYR A 297 -12.34 -5.48 16.38
N GLY A 298 -12.65 -6.39 15.46
CA GLY A 298 -11.74 -7.41 14.94
C GLY A 298 -11.06 -8.21 16.02
N GLU A 299 -9.73 -8.15 16.02
CA GLU A 299 -8.91 -8.88 16.99
C GLU A 299 -8.58 -8.07 18.23
N SER A 300 -9.08 -6.80 18.31
CA SER A 300 -8.91 -6.02 19.52
C SER A 300 -10.00 -6.45 20.48
N SER A 301 -9.83 -6.12 21.77
CA SER A 301 -10.78 -6.43 22.83
C SER A 301 -12.06 -5.66 22.64
N ALA A 302 -13.17 -6.27 23.04
CA ALA A 302 -14.46 -5.62 22.97
C ALA A 302 -15.17 -5.79 24.32
N PRO A 303 -14.77 -5.04 25.37
CA PRO A 303 -15.49 -5.13 26.66
C PRO A 303 -16.94 -4.66 26.51
N PRO A 304 -17.89 -5.21 27.30
CA PRO A 304 -19.31 -4.87 27.09
C PRO A 304 -19.78 -3.49 27.52
N GLU A 305 -19.11 -2.90 28.53
CA GLU A 305 -19.50 -1.63 29.18
C GLU A 305 -19.44 -0.42 28.26
N ILE A 306 -20.49 0.39 28.30
CA ILE A 306 -20.62 1.61 27.47
C ILE A 306 -19.45 2.57 27.69
N GLU A 307 -19.11 2.84 28.96
CA GLU A 307 -18.08 3.78 29.39
C GLU A 307 -16.66 3.45 28.95
N GLU A 308 -16.41 2.19 28.54
CA GLU A 308 -15.14 1.76 27.98
C GLU A 308 -14.91 2.41 26.59
N TYR A 309 -15.97 2.99 26.02
CA TYR A 309 -15.92 3.58 24.67
C TYR A 309 -16.09 5.08 24.61
N CYS A 310 -15.97 5.77 25.77
CA CYS A 310 -16.02 7.23 25.74
C CYS A 310 -14.68 7.70 25.15
N MET A 311 -14.68 8.85 24.44
CA MET A 311 -13.49 9.40 23.80
C MET A 311 -12.30 9.57 24.72
N GLU A 312 -12.52 10.02 25.97
CA GLU A 312 -11.43 10.19 26.95
C GLU A 312 -10.66 8.86 27.19
N VAL A 313 -11.41 7.76 27.40
CA VAL A 313 -10.83 6.40 27.58
C VAL A 313 -10.13 5.93 26.29
N LEU A 314 -10.80 6.06 25.15
CA LEU A 314 -10.26 5.63 23.86
C LEU A 314 -8.95 6.37 23.55
N CYS A 315 -8.91 7.70 23.80
CA CYS A 315 -7.69 8.48 23.54
C CYS A 315 -6.57 8.09 24.50
N LYS A 316 -6.88 7.90 25.79
CA LYS A 316 -5.89 7.49 26.81
C LYS A 316 -5.23 6.16 26.41
N GLU A 317 -6.04 5.23 25.91
CA GLU A 317 -5.57 3.92 25.44
C GLU A 317 -4.66 3.99 24.24
N MET A 318 -4.95 4.91 23.29
CA MET A 318 -4.12 5.11 22.10
C MET A 318 -2.78 5.69 22.54
N VAL A 319 -2.76 6.52 23.60
CA VAL A 319 -1.53 7.08 24.16
C VAL A 319 -0.72 5.93 24.78
N THR A 320 -1.39 5.05 25.54
CA THR A 320 -0.73 3.87 26.14
C THR A 320 -0.16 2.96 25.06
N PHE A 321 -0.90 2.77 23.96
CA PHE A 321 -0.48 1.99 22.81
C PHE A 321 0.89 2.50 22.30
N LEU A 322 1.01 3.83 22.09
CA LEU A 322 2.29 4.45 21.68
C LEU A 322 3.37 4.19 22.76
N ASP A 323 3.01 4.36 24.04
CA ASP A 323 3.98 4.17 25.17
C ASP A 323 4.59 2.76 25.14
N LYS A 324 3.72 1.75 25.02
CA LYS A 324 4.13 0.34 25.02
C LYS A 324 4.93 -0.08 23.81
N LEU A 325 4.71 0.58 22.65
CA LEU A 325 5.48 0.31 21.41
C LEU A 325 6.78 1.11 21.39
N GLY A 326 6.94 2.04 22.34
CA GLY A 326 8.13 2.88 22.42
C GLY A 326 8.15 3.99 21.37
N LEU A 327 6.97 4.57 21.09
CA LEU A 327 6.82 5.66 20.12
C LEU A 327 6.48 6.95 20.83
N SER A 328 7.32 7.97 20.64
CA SER A 328 7.04 9.27 21.26
C SER A 328 5.92 9.97 20.51
N GLN A 329 5.76 9.66 19.22
CA GLN A 329 4.74 10.26 18.37
C GLN A 329 4.32 9.33 17.23
N ALA A 330 3.16 9.63 16.64
CA ALA A 330 2.72 9.02 15.40
C ALA A 330 1.92 10.07 14.69
N VAL A 331 1.82 9.96 13.36
CA VAL A 331 0.91 10.75 12.55
C VAL A 331 -0.40 10.00 12.75
N PHE A 332 -1.51 10.72 13.08
CA PHE A 332 -2.78 10.05 13.26
C PHE A 332 -3.70 10.39 12.11
N ILE A 333 -4.14 9.37 11.39
CA ILE A 333 -5.08 9.54 10.26
C ILE A 333 -6.33 8.74 10.60
N GLY A 334 -7.48 9.43 10.61
CA GLY A 334 -8.74 8.77 10.93
C GLY A 334 -9.81 8.95 9.88
N HIS A 335 -10.83 8.08 9.90
CA HIS A 335 -11.99 8.18 9.00
C HIS A 335 -13.20 7.93 9.85
N ASP A 336 -14.27 8.73 9.65
CA ASP A 336 -15.52 8.58 10.38
C ASP A 336 -15.28 8.67 11.91
N TRP A 337 -15.64 7.63 12.71
CA TRP A 337 -15.39 7.64 14.16
C TRP A 337 -13.91 7.75 14.47
N GLY A 338 -13.07 7.21 13.59
CA GLY A 338 -11.62 7.34 13.71
C GLY A 338 -11.18 8.78 13.52
N GLY A 339 -11.84 9.49 12.59
CA GLY A 339 -11.55 10.89 12.30
C GLY A 339 -11.91 11.75 13.49
N MET A 340 -13.06 11.47 14.14
CA MET A 340 -13.48 12.16 15.37
C MET A 340 -12.40 11.95 16.46
N LEU A 341 -11.94 10.71 16.64
CA LEU A 341 -10.94 10.38 17.65
C LEU A 341 -9.62 11.13 17.40
N VAL A 342 -9.12 11.13 16.15
CA VAL A 342 -7.86 11.81 15.85
C VAL A 342 -7.87 13.32 16.11
N TRP A 343 -9.01 14.02 15.86
CA TRP A 343 -9.07 15.45 16.19
C TRP A 343 -8.89 15.66 17.67
N TYR A 344 -9.53 14.79 18.46
CA TYR A 344 -9.45 14.81 19.91
C TYR A 344 -8.06 14.43 20.44
N MET A 345 -7.36 13.50 19.76
CA MET A 345 -5.95 13.19 20.08
C MET A 345 -5.11 14.47 19.87
N ALA A 346 -5.34 15.20 18.77
CA ALA A 346 -4.62 16.44 18.49
C ALA A 346 -4.91 17.51 19.56
N LEU A 347 -6.16 17.56 20.06
CA LEU A 347 -6.57 18.55 21.07
C LEU A 347 -6.04 18.27 22.48
N PHE A 348 -6.02 16.99 22.87
CA PHE A 348 -5.62 16.59 24.23
C PHE A 348 -4.22 16.05 24.37
N TYR A 349 -3.63 15.55 23.29
CA TYR A 349 -2.29 14.98 23.38
C TYR A 349 -1.43 15.48 22.22
N PRO A 350 -1.29 16.81 22.01
CA PRO A 350 -0.52 17.29 20.84
C PRO A 350 0.93 16.85 20.81
N GLU A 351 1.53 16.63 21.98
CA GLU A 351 2.94 16.19 22.06
C GLU A 351 3.18 14.79 21.45
N ARG A 352 2.12 13.97 21.35
CA ARG A 352 2.17 12.57 20.88
C ARG A 352 1.71 12.48 19.43
N VAL A 353 1.21 13.60 18.90
CA VAL A 353 0.65 13.64 17.54
C VAL A 353 1.58 14.46 16.65
N ARG A 354 2.29 13.79 15.73
CA ARG A 354 3.23 14.44 14.81
C ARG A 354 2.45 15.30 13.82
N ALA A 355 1.31 14.79 13.36
CA ALA A 355 0.39 15.49 12.44
C ALA A 355 -0.93 14.75 12.49
N VAL A 356 -2.02 15.42 12.08
CA VAL A 356 -3.36 14.81 12.13
C VAL A 356 -4.09 14.99 10.81
N ALA A 357 -4.80 13.94 10.34
CA ALA A 357 -5.61 14.01 9.13
C ALA A 357 -6.93 13.27 9.35
N SER A 358 -8.02 13.85 8.84
CA SER A 358 -9.31 13.21 8.87
C SER A 358 -9.90 13.12 7.49
N LEU A 359 -10.51 11.98 7.22
CA LEU A 359 -11.31 11.76 6.03
C LEU A 359 -12.77 11.88 6.44
N ASN A 360 -13.48 12.86 5.84
CA ASN A 360 -14.93 13.12 5.97
C ASN A 360 -15.36 13.80 7.26
N THR A 361 -14.85 13.33 8.42
CA THR A 361 -15.23 13.87 9.71
C THR A 361 -14.60 15.23 9.94
N PRO A 362 -15.41 16.31 10.03
CA PRO A 362 -14.83 17.62 10.34
C PRO A 362 -14.44 17.69 11.82
N PHE A 363 -13.75 18.77 12.24
CA PHE A 363 -13.51 18.93 13.66
C PHE A 363 -14.84 19.46 14.22
N ILE A 364 -15.47 18.68 15.12
CA ILE A 364 -16.75 18.97 15.75
C ILE A 364 -16.54 19.41 17.19
N PRO A 365 -16.54 20.73 17.44
CA PRO A 365 -16.37 21.20 18.82
C PRO A 365 -17.65 21.06 19.58
N ALA A 366 -17.53 20.96 20.89
CA ALA A 366 -18.70 20.83 21.75
C ALA A 366 -19.44 22.17 21.75
N ASN A 367 -20.76 22.09 21.85
CA ASN A 367 -21.60 23.27 22.00
C ASN A 367 -21.89 23.34 23.52
N PRO A 368 -21.24 24.28 24.25
CA PRO A 368 -21.44 24.34 25.71
C PRO A 368 -22.85 24.77 26.13
N ASN A 369 -23.62 25.33 25.20
CA ASN A 369 -24.97 25.83 25.49
C ASN A 369 -26.12 24.86 25.22
N MET A 370 -25.80 23.66 24.70
CA MET A 370 -26.80 22.63 24.36
C MET A 370 -26.30 21.25 24.73
N SER A 371 -27.20 20.39 25.20
CA SER A 371 -26.85 18.98 25.46
C SER A 371 -26.72 18.30 24.09
N PRO A 372 -25.93 17.21 23.94
CA PRO A 372 -25.86 16.53 22.62
C PRO A 372 -27.24 16.10 22.06
N LEU A 373 -28.23 15.77 22.94
CA LEU A 373 -29.59 15.42 22.48
C LEU A 373 -30.31 16.64 21.90
N GLU A 374 -30.14 17.84 22.51
CA GLU A 374 -30.70 19.09 21.97
C GLU A 374 -30.00 19.41 20.63
N SER A 375 -28.68 19.11 20.53
CA SER A 375 -27.97 19.32 19.27
C SER A 375 -28.53 18.43 18.15
N ILE A 376 -28.84 17.14 18.45
CA ILE A 376 -29.43 16.23 17.45
C ILE A 376 -30.82 16.77 17.02
N LYS A 377 -31.63 17.27 18.00
CA LYS A 377 -32.95 17.85 17.74
C LYS A 377 -32.85 19.00 16.72
N ALA A 378 -31.82 19.86 16.84
CA ALA A 378 -31.58 21.00 15.94
C ALA A 378 -30.84 20.61 14.63
N ASN A 379 -30.40 19.35 14.51
CA ASN A 379 -29.67 18.87 13.32
C ASN A 379 -30.19 17.48 12.91
N PRO A 380 -31.39 17.40 12.25
CA PRO A 380 -31.97 16.09 11.93
C PRO A 380 -31.21 15.18 10.97
N VAL A 381 -30.12 15.65 10.33
CA VAL A 381 -29.31 14.77 9.47
C VAL A 381 -28.69 13.66 10.38
N PHE A 382 -28.54 13.98 11.68
CA PHE A 382 -27.99 13.07 12.67
C PHE A 382 -29.03 12.34 13.52
N ASP A 383 -30.33 12.46 13.13
CA ASP A 383 -31.44 11.82 13.86
C ASP A 383 -31.30 10.30 14.00
N TYR A 384 -30.72 9.64 12.97
CA TYR A 384 -30.47 8.19 12.94
C TYR A 384 -29.62 7.70 14.15
N GLN A 385 -28.75 8.59 14.72
CA GLN A 385 -27.90 8.26 15.87
C GLN A 385 -28.76 7.93 17.09
N LEU A 386 -30.03 8.44 17.15
CA LEU A 386 -30.95 8.11 18.25
C LEU A 386 -31.29 6.62 18.21
N TYR A 387 -31.34 6.02 17.00
CA TYR A 387 -31.61 4.58 16.83
C TYR A 387 -30.48 3.74 17.48
N PHE A 388 -29.24 4.28 17.51
CA PHE A 388 -28.09 3.59 18.09
C PHE A 388 -27.98 3.66 19.62
N GLN A 389 -28.83 4.44 20.27
CA GLN A 389 -28.76 4.67 21.71
C GLN A 389 -29.14 3.51 22.58
N GLU A 390 -30.31 2.91 22.34
CA GLU A 390 -30.84 1.82 23.17
C GLU A 390 -30.04 0.52 22.99
N PRO A 391 -29.34 0.09 24.06
CA PRO A 391 -28.53 -1.13 23.95
C PRO A 391 -29.34 -2.35 23.51
N GLY A 392 -28.82 -3.03 22.49
CA GLY A 392 -29.44 -4.24 21.95
C GLY A 392 -30.26 -4.08 20.68
N VAL A 393 -30.94 -2.93 20.51
CA VAL A 393 -31.82 -2.70 19.34
C VAL A 393 -31.06 -2.70 18.02
N ALA A 394 -30.07 -1.79 17.86
CA ALA A 394 -29.33 -1.79 16.59
C ALA A 394 -28.45 -3.06 16.46
N GLU A 395 -27.96 -3.65 17.60
CA GLU A 395 -27.16 -4.89 17.58
C GLU A 395 -27.98 -6.00 16.91
N ALA A 396 -29.25 -6.18 17.33
CA ALA A 396 -30.13 -7.20 16.78
C ALA A 396 -30.27 -7.10 15.26
N GLU A 397 -30.50 -5.88 14.72
CA GLU A 397 -30.62 -5.68 13.27
C GLU A 397 -29.30 -5.91 12.52
N LEU A 398 -28.19 -5.36 13.03
CA LEU A 398 -26.88 -5.45 12.35
C LEU A 398 -26.26 -6.85 12.40
N GLU A 399 -26.55 -7.61 13.46
CA GLU A 399 -26.03 -8.98 13.66
C GLU A 399 -26.91 -10.09 13.03
N GLN A 400 -28.17 -9.78 12.70
CA GLN A 400 -29.12 -10.73 12.11
C GLN A 400 -28.55 -11.45 10.89
N ASN A 401 -27.91 -10.71 9.97
CA ASN A 401 -27.34 -11.26 8.74
C ASN A 401 -26.16 -10.38 8.38
N LEU A 402 -24.95 -10.81 8.81
CA LEU A 402 -23.70 -10.08 8.61
C LEU A 402 -23.42 -9.73 7.15
N SER A 403 -23.59 -10.72 6.24
CA SER A 403 -23.39 -10.52 4.81
C SER A 403 -24.29 -9.40 4.30
N ARG A 404 -25.59 -9.44 4.66
CA ARG A 404 -26.56 -8.41 4.26
C ARG A 404 -26.13 -7.05 4.87
N THR A 405 -25.75 -7.02 6.16
CA THR A 405 -25.29 -5.80 6.82
C THR A 405 -24.18 -5.10 6.01
N PHE A 406 -23.08 -5.81 5.70
CA PHE A 406 -21.94 -5.21 4.99
C PHE A 406 -22.21 -4.87 3.54
N LYS A 407 -22.98 -5.73 2.83
CA LYS A 407 -23.37 -5.43 1.44
C LYS A 407 -24.30 -4.24 1.35
N SER A 408 -25.17 -4.03 2.35
CA SER A 408 -26.08 -2.87 2.38
C SER A 408 -25.33 -1.59 2.75
N LEU A 409 -24.36 -1.69 3.70
CA LEU A 409 -23.64 -0.49 4.10
C LEU A 409 -22.59 0.00 3.12
N PHE A 410 -21.72 -0.91 2.66
CA PHE A 410 -20.58 -0.61 1.83
C PHE A 410 -20.93 -0.48 0.36
N ARG A 411 -21.48 0.68 -0.02
CA ARG A 411 -21.93 0.98 -1.38
C ARG A 411 -21.52 2.39 -1.79
N ALA A 412 -21.35 2.63 -3.10
CA ALA A 412 -21.02 3.95 -3.64
C ALA A 412 -22.26 4.87 -3.46
N SER A 413 -22.05 6.21 -3.50
CA SER A 413 -23.12 7.20 -3.29
C SER A 413 -24.40 6.95 -4.12
N ASP A 414 -24.22 6.52 -5.39
CA ASP A 414 -25.25 6.21 -6.39
C ASP A 414 -25.84 4.80 -6.24
N GLU A 415 -25.24 3.94 -5.39
CA GLU A 415 -25.73 2.56 -5.17
C GLU A 415 -26.48 2.45 -3.85
N SER A 416 -26.71 3.57 -3.14
CA SER A 416 -27.34 3.54 -1.81
C SER A 416 -28.65 2.77 -1.77
N VAL A 417 -28.79 1.98 -0.74
CA VAL A 417 -29.94 1.13 -0.49
C VAL A 417 -30.55 1.52 0.89
N LEU A 418 -29.88 2.48 1.57
CA LEU A 418 -30.23 3.04 2.88
C LEU A 418 -30.84 4.43 2.71
N SER A 419 -31.66 4.87 3.68
CA SER A 419 -32.27 6.20 3.65
C SER A 419 -31.43 7.21 4.45
N MET A 420 -31.20 6.92 5.75
CA MET A 420 -30.52 7.69 6.80
C MET A 420 -31.43 8.74 7.43
N HIS A 421 -32.12 9.54 6.59
CA HIS A 421 -33.05 10.59 7.01
C HIS A 421 -34.34 10.05 7.67
N LYS A 422 -34.74 8.79 7.37
CA LYS A 422 -35.94 8.19 7.97
C LYS A 422 -35.73 6.91 8.81
N VAL A 423 -34.50 6.68 9.30
CA VAL A 423 -34.12 5.52 10.14
C VAL A 423 -34.99 5.39 11.42
N CYS A 424 -35.18 6.51 12.16
CA CYS A 424 -35.99 6.53 13.39
C CYS A 424 -37.46 6.24 13.10
N GLU A 425 -38.04 6.97 12.14
CA GLU A 425 -39.43 6.85 11.69
C GLU A 425 -39.73 5.40 11.24
N ALA A 426 -38.80 4.80 10.47
CA ALA A 426 -38.93 3.45 9.94
C ALA A 426 -38.53 2.31 10.90
N GLY A 427 -37.86 2.67 12.01
CA GLY A 427 -37.46 1.73 13.05
C GLY A 427 -36.24 0.85 12.78
N GLY A 428 -35.38 1.29 11.85
CA GLY A 428 -34.16 0.54 11.53
C GLY A 428 -33.41 1.06 10.31
N LEU A 429 -32.18 0.59 10.14
CA LEU A 429 -31.32 0.96 9.00
C LEU A 429 -31.71 0.25 7.70
N PHE A 430 -32.08 -1.04 7.79
CA PHE A 430 -32.35 -1.89 6.60
C PHE A 430 -33.82 -2.25 6.37
N VAL A 431 -34.75 -1.57 7.04
CA VAL A 431 -36.20 -1.79 6.92
C VAL A 431 -36.73 -1.75 5.48
N ASN A 432 -36.23 -0.81 4.64
CA ASN A 432 -36.65 -0.73 3.24
C ASN A 432 -35.50 -1.11 2.28
N SER A 433 -34.61 -2.01 2.76
CA SER A 433 -33.46 -2.51 2.02
C SER A 433 -33.69 -3.98 1.61
N PRO A 434 -33.17 -4.45 0.45
CA PRO A 434 -33.41 -5.85 0.05
C PRO A 434 -32.77 -6.88 0.97
N GLU A 435 -33.30 -8.11 0.97
CA GLU A 435 -32.76 -9.22 1.76
C GLU A 435 -31.44 -9.66 1.20
N GLU A 436 -31.32 -9.65 -0.13
CA GLU A 436 -30.12 -10.05 -0.85
C GLU A 436 -29.58 -8.90 -1.69
N PRO A 437 -28.92 -7.88 -1.08
CA PRO A 437 -28.40 -6.78 -1.89
C PRO A 437 -27.34 -7.25 -2.89
N SER A 438 -27.25 -6.53 -4.00
CA SER A 438 -26.23 -6.80 -5.00
C SER A 438 -24.89 -6.36 -4.40
N LEU A 439 -23.81 -6.84 -4.97
CA LEU A 439 -22.48 -6.52 -4.52
C LEU A 439 -22.10 -5.16 -5.13
N SER A 440 -21.70 -4.22 -4.27
CA SER A 440 -21.24 -2.90 -4.73
C SER A 440 -20.05 -3.08 -5.68
N ARG A 441 -19.87 -2.13 -6.63
CA ARG A 441 -18.71 -2.13 -7.52
C ARG A 441 -17.42 -1.88 -6.72
N MET A 442 -17.55 -1.37 -5.47
CA MET A 442 -16.42 -1.09 -4.58
C MET A 442 -15.77 -2.32 -4.00
N VAL A 443 -16.56 -3.36 -3.72
CA VAL A 443 -16.10 -4.55 -3.02
C VAL A 443 -16.31 -5.85 -3.78
N THR A 444 -15.52 -6.86 -3.44
CA THR A 444 -15.66 -8.22 -3.96
C THR A 444 -16.37 -9.03 -2.87
N GLU A 445 -16.93 -10.20 -3.22
CA GLU A 445 -17.58 -11.09 -2.24
C GLU A 445 -16.58 -11.49 -1.15
N GLU A 446 -15.33 -11.74 -1.55
CA GLU A 446 -14.23 -12.15 -0.66
C GLU A 446 -13.96 -11.07 0.39
N GLU A 447 -13.92 -9.79 -0.03
CA GLU A 447 -13.70 -8.67 0.89
C GLU A 447 -14.87 -8.56 1.87
N ILE A 448 -16.12 -8.72 1.38
CA ILE A 448 -17.31 -8.70 2.24
C ILE A 448 -17.19 -9.80 3.31
N GLN A 449 -16.82 -11.03 2.89
CA GLN A 449 -16.69 -12.17 3.79
C GLN A 449 -15.59 -11.98 4.85
N PHE A 450 -14.56 -11.18 4.56
CA PHE A 450 -13.55 -10.86 5.59
C PHE A 450 -14.20 -10.02 6.71
N TYR A 451 -15.05 -9.01 6.37
CA TYR A 451 -15.74 -8.23 7.39
C TYR A 451 -16.71 -9.11 8.18
N VAL A 452 -17.48 -9.99 7.48
CA VAL A 452 -18.39 -10.96 8.11
C VAL A 452 -17.62 -11.77 9.17
N GLN A 453 -16.48 -12.36 8.78
CA GLN A 453 -15.64 -13.15 9.70
C GLN A 453 -15.18 -12.36 10.92
N GLN A 454 -14.69 -11.12 10.71
CA GLN A 454 -14.24 -10.23 11.78
C GLN A 454 -15.34 -9.93 12.80
N PHE A 455 -16.57 -9.65 12.33
CA PHE A 455 -17.70 -9.32 13.17
C PHE A 455 -18.37 -10.52 13.87
N LYS A 456 -18.00 -11.74 13.49
CA LYS A 456 -18.52 -12.92 14.17
C LYS A 456 -17.95 -13.03 15.59
N LYS A 457 -16.73 -12.49 15.82
CA LYS A 457 -16.09 -12.54 17.15
C LYS A 457 -16.84 -11.76 18.22
N SER A 458 -17.03 -10.44 18.02
CA SER A 458 -17.64 -9.62 19.06
C SER A 458 -18.96 -8.96 18.68
N GLY A 459 -19.32 -9.02 17.40
CA GLY A 459 -20.53 -8.37 16.91
C GLY A 459 -20.47 -6.85 16.99
N PHE A 460 -21.63 -6.24 17.19
CA PHE A 460 -21.81 -4.79 17.16
C PHE A 460 -21.94 -4.06 18.47
N ARG A 461 -21.96 -4.76 19.66
CA ARG A 461 -22.07 -4.07 20.94
C ARG A 461 -20.95 -2.98 21.16
N GLY A 462 -19.68 -3.39 21.10
CA GLY A 462 -18.52 -2.49 21.26
C GLY A 462 -18.57 -1.34 20.25
N PRO A 463 -18.70 -1.66 18.95
CA PRO A 463 -18.82 -0.61 17.91
C PRO A 463 -19.94 0.40 18.16
N LEU A 464 -21.17 -0.07 18.52
CA LEU A 464 -22.30 0.81 18.83
C LEU A 464 -22.09 1.61 20.09
N ASN A 465 -21.35 1.05 21.11
CA ASN A 465 -21.03 1.80 22.33
C ASN A 465 -20.26 3.09 22.05
N TRP A 466 -19.57 3.20 20.88
CA TRP A 466 -18.89 4.45 20.52
C TRP A 466 -19.90 5.61 20.47
N TYR A 467 -21.18 5.31 20.10
CA TYR A 467 -22.25 6.33 20.01
C TYR A 467 -22.99 6.58 21.33
N ARG A 468 -22.70 5.79 22.37
CA ARG A 468 -23.43 5.79 23.63
C ARG A 468 -22.79 6.57 24.76
N ASN A 469 -21.87 7.48 24.42
CA ASN A 469 -21.15 8.31 25.37
C ASN A 469 -21.29 9.79 25.10
N MET A 470 -22.41 10.24 24.49
CA MET A 470 -22.58 11.65 24.14
C MET A 470 -22.39 12.61 25.30
N GLU A 471 -23.01 12.36 26.46
CA GLU A 471 -22.87 13.27 27.60
C GLU A 471 -21.44 13.33 28.14
N ARG A 472 -20.81 12.15 28.34
CA ARG A 472 -19.41 12.05 28.79
C ARG A 472 -18.50 12.76 27.81
N ASN A 473 -18.63 12.46 26.49
CA ASN A 473 -17.80 13.09 25.45
C ASN A 473 -17.98 14.61 25.43
N TRP A 474 -19.23 15.09 25.59
CA TRP A 474 -19.55 16.51 25.61
C TRP A 474 -18.86 17.24 26.76
N LYS A 475 -18.99 16.69 27.98
CA LYS A 475 -18.38 17.26 29.17
C LYS A 475 -16.86 17.31 29.03
N TRP A 476 -16.27 16.25 28.46
CA TRP A 476 -14.81 16.18 28.28
C TRP A 476 -14.35 17.18 27.22
N ALA A 477 -15.04 17.20 26.06
CA ALA A 477 -14.75 18.12 24.96
C ALA A 477 -14.87 19.58 25.42
N CYS A 478 -15.82 19.91 26.35
CA CYS A 478 -15.96 21.29 26.86
C CYS A 478 -14.67 21.85 27.51
N LYS A 479 -13.83 20.97 28.10
CA LYS A 479 -12.56 21.37 28.70
C LYS A 479 -11.57 21.93 27.65
N SER A 480 -11.78 21.60 26.37
CA SER A 480 -10.88 22.03 25.28
C SER A 480 -11.35 23.27 24.49
N LEU A 481 -12.48 23.89 24.89
CA LEU A 481 -13.09 25.02 24.18
C LEU A 481 -12.24 26.30 24.02
N GLY A 482 -11.26 26.47 24.89
CA GLY A 482 -10.37 27.62 24.79
C GLY A 482 -9.14 27.33 23.96
N ARG A 483 -9.00 26.08 23.45
CA ARG A 483 -7.83 25.67 22.67
C ARG A 483 -7.97 25.84 21.16
N LYS A 484 -6.85 25.79 20.44
CA LYS A 484 -6.82 25.75 18.99
C LYS A 484 -5.91 24.58 18.63
N ILE A 485 -6.13 23.97 17.45
CA ILE A 485 -5.31 22.87 16.94
C ILE A 485 -4.24 23.58 16.10
N LEU A 486 -3.01 23.55 16.57
CA LEU A 486 -1.93 24.25 15.90
C LEU A 486 -0.84 23.35 15.35
N ILE A 487 -1.01 22.05 15.50
CA ILE A 487 -0.06 21.09 14.92
C ILE A 487 -0.44 20.89 13.42
N PRO A 488 0.43 20.29 12.56
CA PRO A 488 0.07 20.08 11.14
C PRO A 488 -1.23 19.27 10.99
N ALA A 489 -2.19 19.81 10.21
CA ALA A 489 -3.50 19.16 10.07
C ALA A 489 -4.05 19.21 8.65
N LEU A 490 -4.73 18.10 8.25
CA LEU A 490 -5.35 17.96 6.96
C LEU A 490 -6.80 17.49 7.10
N MET A 491 -7.71 18.18 6.40
CA MET A 491 -9.11 17.82 6.36
C MET A 491 -9.45 17.42 4.92
N VAL A 492 -9.92 16.18 4.75
CA VAL A 492 -10.29 15.70 3.40
C VAL A 492 -11.79 15.54 3.31
N THR A 493 -12.42 16.31 2.41
CA THR A 493 -13.87 16.20 2.20
C THR A 493 -14.19 15.26 1.04
N ALA A 494 -15.38 14.67 1.09
CA ALA A 494 -15.92 13.75 0.10
C ALA A 494 -17.22 14.36 -0.45
N GLU A 495 -17.24 14.66 -1.74
CA GLU A 495 -18.36 15.33 -2.41
C GLU A 495 -19.75 14.76 -2.12
N LYS A 496 -19.88 13.44 -2.26
CA LYS A 496 -21.15 12.72 -2.16
C LYS A 496 -21.39 11.92 -0.87
N ASP A 497 -20.75 12.34 0.24
CA ASP A 497 -21.05 11.76 1.55
C ASP A 497 -22.27 12.58 2.01
N PHE A 498 -23.46 11.98 1.97
CA PHE A 498 -24.68 12.70 2.30
C PHE A 498 -24.97 12.92 3.77
N VAL A 499 -24.07 12.44 4.66
CA VAL A 499 -24.22 12.72 6.09
C VAL A 499 -23.12 13.72 6.48
N LEU A 500 -21.86 13.36 6.18
CA LEU A 500 -20.67 14.15 6.46
C LEU A 500 -20.37 14.97 5.21
N VAL A 501 -21.26 15.93 4.93
CA VAL A 501 -21.20 16.78 3.76
C VAL A 501 -19.97 17.71 3.83
N PRO A 502 -19.34 18.08 2.70
CA PRO A 502 -18.17 18.99 2.76
C PRO A 502 -18.40 20.32 3.50
N GLN A 503 -19.61 20.89 3.38
CA GLN A 503 -20.02 22.14 4.03
C GLN A 503 -19.95 22.07 5.58
N MET A 504 -20.05 20.85 6.16
CA MET A 504 -19.97 20.64 7.61
C MET A 504 -18.56 21.01 8.15
N SER A 505 -17.54 20.96 7.28
CA SER A 505 -16.15 21.31 7.62
C SER A 505 -15.83 22.85 7.44
N GLN A 506 -16.79 23.64 6.93
CA GLN A 506 -16.58 25.07 6.59
C GLN A 506 -16.07 26.03 7.69
N HIS A 507 -16.30 25.72 8.97
CA HIS A 507 -15.83 26.61 10.05
C HIS A 507 -14.54 26.13 10.72
N MET A 508 -13.93 25.04 10.20
CA MET A 508 -12.75 24.43 10.82
C MET A 508 -11.54 25.37 10.99
N GLU A 509 -11.35 26.31 10.04
CA GLU A 509 -10.25 27.29 10.11
C GLU A 509 -10.33 28.19 11.36
N ASP A 510 -11.54 28.33 11.95
CA ASP A 510 -11.69 29.08 13.20
C ASP A 510 -10.90 28.43 14.35
N TRP A 511 -10.79 27.10 14.33
CA TRP A 511 -10.12 26.29 15.38
C TRP A 511 -8.73 25.79 14.97
N ILE A 512 -8.53 25.65 13.66
CA ILE A 512 -7.30 25.07 13.08
C ILE A 512 -6.87 26.06 12.01
N PRO A 513 -6.26 27.21 12.41
CA PRO A 513 -5.92 28.24 11.41
C PRO A 513 -5.01 27.86 10.26
N HIS A 514 -4.06 26.94 10.49
CA HIS A 514 -3.09 26.49 9.47
C HIS A 514 -3.55 25.22 8.72
N LEU A 515 -4.81 24.83 8.90
CA LEU A 515 -5.41 23.66 8.25
C LEU A 515 -5.15 23.60 6.74
N LYS A 516 -4.75 22.41 6.28
CA LYS A 516 -4.58 22.08 4.87
C LYS A 516 -5.79 21.24 4.49
N ARG A 517 -6.15 21.28 3.22
CA ARG A 517 -7.34 20.55 2.74
C ARG A 517 -7.11 19.73 1.50
N GLY A 518 -7.95 18.70 1.38
CA GLY A 518 -8.10 17.82 0.24
C GLY A 518 -9.57 17.67 -0.02
N HIS A 519 -9.95 17.35 -1.25
CA HIS A 519 -11.35 17.16 -1.61
C HIS A 519 -11.43 16.13 -2.69
N ILE A 520 -12.37 15.17 -2.55
CA ILE A 520 -12.52 14.10 -3.53
C ILE A 520 -13.90 14.15 -4.20
N GLU A 521 -13.89 14.37 -5.53
CA GLU A 521 -15.07 14.42 -6.38
C GLU A 521 -15.68 13.03 -6.46
N ASP A 522 -17.03 12.94 -6.55
CA ASP A 522 -17.81 11.70 -6.74
C ASP A 522 -17.45 10.59 -5.73
N CYS A 523 -17.28 10.97 -4.47
CA CYS A 523 -16.86 10.08 -3.39
C CYS A 523 -17.93 10.07 -2.31
N GLY A 524 -18.37 8.88 -1.95
CA GLY A 524 -19.36 8.70 -0.88
C GLY A 524 -18.67 8.60 0.47
N HIS A 525 -19.37 8.01 1.44
CA HIS A 525 -18.87 7.83 2.79
C HIS A 525 -17.63 6.94 2.95
N TRP A 526 -17.54 5.84 2.18
CA TRP A 526 -16.48 4.81 2.33
C TRP A 526 -15.28 5.15 1.51
N THR A 527 -14.72 6.33 1.82
CA THR A 527 -13.63 7.03 1.13
C THR A 527 -12.47 6.18 0.67
N GLN A 528 -11.88 5.38 1.59
CA GLN A 528 -10.69 4.57 1.30
C GLN A 528 -10.87 3.57 0.17
N MET A 529 -12.05 2.94 0.08
CA MET A 529 -12.35 1.94 -0.96
C MET A 529 -13.11 2.53 -2.15
N ASP A 530 -13.75 3.70 -1.94
CA ASP A 530 -14.47 4.39 -3.02
C ASP A 530 -13.49 4.98 -3.98
N LYS A 531 -12.55 5.79 -3.45
CA LYS A 531 -11.54 6.48 -4.24
C LYS A 531 -10.11 6.24 -3.67
N PRO A 532 -9.62 4.98 -3.68
CA PRO A 532 -8.27 4.68 -3.10
C PRO A 532 -7.08 5.40 -3.70
N THR A 533 -7.04 5.53 -5.04
CA THR A 533 -5.94 6.22 -5.74
C THR A 533 -5.88 7.67 -5.33
N GLU A 534 -7.05 8.33 -5.28
CA GLU A 534 -7.15 9.74 -4.88
C GLU A 534 -6.78 9.94 -3.41
N VAL A 535 -7.27 9.05 -2.50
CA VAL A 535 -6.94 9.09 -1.06
C VAL A 535 -5.41 8.98 -0.91
N ASN A 536 -4.79 8.03 -1.63
CA ASN A 536 -3.33 7.78 -1.57
C ASN A 536 -2.54 8.98 -2.01
N GLN A 537 -2.93 9.61 -3.13
CA GLN A 537 -2.25 10.80 -3.68
C GLN A 537 -2.26 11.94 -2.64
N ILE A 538 -3.46 12.24 -2.09
CA ILE A 538 -3.68 13.30 -1.11
C ILE A 538 -2.87 13.06 0.16
N LEU A 539 -2.95 11.83 0.72
CA LEU A 539 -2.24 11.52 1.95
C LEU A 539 -0.75 11.57 1.81
N ILE A 540 -0.21 10.97 0.72
CA ILE A 540 1.23 10.96 0.49
C ILE A 540 1.77 12.38 0.28
N LYS A 541 1.08 13.19 -0.53
CA LYS A 541 1.55 14.55 -0.77
C LYS A 541 1.63 15.32 0.56
N TRP A 542 0.59 15.20 1.39
CA TRP A 542 0.52 15.88 2.68
C TRP A 542 1.57 15.35 3.68
N LEU A 543 1.72 14.02 3.76
CA LEU A 543 2.73 13.39 4.66
C LEU A 543 4.13 13.87 4.30
N ASP A 544 4.47 13.85 2.99
CA ASP A 544 5.77 14.28 2.50
C ASP A 544 6.07 15.77 2.72
N SER A 545 5.04 16.63 2.70
CA SER A 545 5.27 18.04 2.94
C SER A 545 5.23 18.42 4.41
N ASP A 546 4.27 17.86 5.18
CA ASP A 546 3.96 18.22 6.57
C ASP A 546 4.26 17.26 7.72
N ALA A 547 4.58 15.99 7.43
CA ALA A 547 4.76 15.02 8.52
C ALA A 547 6.15 14.39 8.66
N ARG A 548 7.05 14.64 7.70
CA ARG A 548 8.40 14.10 7.76
C ARG A 548 9.35 14.85 8.67
C1 HD2 B . 24.26 -8.82 -20.84
C2 HD2 B . 24.28 -8.83 -19.46
C3 HD2 B . 23.84 -7.68 -18.82
N4 HD2 B . 23.40 -6.63 -19.54
C5 HD2 B . 23.41 -6.70 -20.87
N6 HD2 B . 23.84 -7.76 -21.56
N7 HD2 B . 22.96 -5.52 -21.51
C8 HD2 B . 23.82 -7.51 -17.33
C9 HD2 B . 24.51 -6.24 -16.89
C10 HD2 B . 24.00 -6.00 -15.50
C11 HD2 B . 22.65 -6.66 -15.44
C12 HD2 B . 22.43 -7.37 -16.75
C13 HD2 B . 24.71 -10.05 -18.76
O14 HD2 B . 23.93 -10.55 -17.94
N15 HD2 B . 25.95 -10.55 -19.14
C16 HD2 B . 26.40 -11.83 -18.63
C17 HD2 B . 27.70 -11.73 -17.84
C18 HD2 B . 28.85 -11.37 -18.76
C19 HD2 B . 28.98 -12.42 -19.84
C20 HD2 B . 27.69 -12.54 -20.65
C21 HD2 B . 26.54 -12.89 -19.73
C22 HD2 B . 26.81 -14.23 -19.05
C23 HD2 B . 28.11 -14.14 -18.27
C24 HD2 B . 29.25 -13.78 -19.22
C25 HD2 B . 27.99 -13.06 -17.20
O26 HD2 B . 28.31 -15.39 -17.64
C27 HD2 B . 22.57 -5.63 -22.91
C28 HD2 B . 21.31 -4.83 -23.17
C29 HD2 B . 21.83 -3.43 -23.40
O30 HD2 B . 23.24 -3.50 -23.58
C31 HD2 B . 23.60 -4.87 -23.70
H1 HD2 B . 24.57 -9.69 -21.41
H8 HD2 B . 24.32 -8.34 -16.84
H7 HD2 B . 22.31 -5.02 -20.92
H27 HD2 B . 22.46 -6.65 -23.27
H91C HD2 B . 25.58 -6.36 -16.90
H92C HD2 B . 24.25 -5.40 -17.52
H121 HD2 B . 21.77 -6.79 -17.40
H122 HD2 B . 21.98 -8.35 -16.58
H101 HD2 B . 24.68 -6.44 -14.76
H102 HD2 B . 23.92 -4.93 -15.30
H111 HD2 B . 22.64 -7.39 -14.62
H112 HD2 B . 21.87 -5.92 -15.25
H15 HD2 B . 26.56 -9.99 -19.72
H16 HD2 B . 25.64 -12.21 -17.93
H17 HD2 B . 27.58 -10.95 -17.07
H21 HD2 B . 25.62 -12.95 -20.31
H181 HD2 B . 28.72 -10.37 -19.18
H182 HD2 B . 29.78 -11.35 -18.18
H251 HD2 B . 28.93 -13.00 -16.64
H252 HD2 B . 27.19 -13.33 -16.50
H19 HD2 B . 29.80 -12.16 -20.51
H201 HD2 B . 27.81 -13.31 -21.41
H202 HD2 B . 27.48 -11.59 -21.16
H241 HD2 B . 30.19 -13.73 -18.67
H242 HD2 B . 29.35 -14.53 -20.00
H221 HD2 B . 25.99 -14.50 -18.38
H222 HD2 B . 26.90 -15.02 -19.81
H26 HD2 B . 29.19 -15.73 -17.92
H281 HD2 B . 20.81 -5.20 -24.07
H282 HD2 B . 20.62 -4.87 -22.33
H311 HD2 B . 23.57 -5.16 -24.75
H312 HD2 B . 24.61 -5.02 -23.30
H291 HD2 B . 21.37 -2.98 -24.28
H292 HD2 B . 21.61 -2.80 -22.53
S DMS C . 8.78 -13.02 -3.45
O DMS C . 7.36 -12.96 -3.26
C1 DMS C . 9.01 -13.60 -5.16
C2 DMS C . 9.28 -14.50 -2.53
S DMS D . -18.71 17.20 21.52
O DMS D . -20.05 17.05 22.09
C1 DMS D . -18.89 17.13 19.71
C2 DMS D . -17.71 15.67 21.81
C1 HD2 E . -23.66 21.21 16.32
C2 HD2 E . -22.86 20.69 15.33
C3 HD2 E . -22.10 21.59 14.59
N4 HD2 E . -22.18 22.90 14.86
C5 HD2 E . -22.96 23.33 15.85
N6 HD2 E . -23.72 22.51 16.61
N7 HD2 E . -22.95 24.73 16.07
C8 HD2 E . -21.19 21.18 13.46
C9 HD2 E . -21.78 21.66 12.16
C10 HD2 E . -20.80 22.63 11.54
C11 HD2 E . -19.68 22.84 12.52
C12 HD2 E . -19.80 21.77 13.58
C13 HD2 E . -22.86 19.23 15.12
O14 HD2 E . -22.98 18.79 13.99
N15 HD2 E . -22.69 18.52 16.28
C16 HD2 E . -22.57 17.08 16.28
C17 HD2 E . -23.83 16.37 15.79
C18 HD2 E . -25.00 16.61 16.74
C19 HD2 E . -24.64 16.11 18.13
C20 HD2 E . -23.41 16.85 18.64
C21 HD2 E . -22.25 16.62 17.70
C22 HD2 E . -21.94 15.14 17.63
C23 HD2 E . -23.15 14.39 17.11
C24 HD2 E . -24.33 14.63 18.05
C25 HD2 E . -23.53 14.88 15.73
O26 HD2 E . -22.81 13.01 17.04
C27 HD2 E . -23.81 25.25 17.13
C28 HD2 E . -23.25 26.49 17.74
C29 HD2 E . -23.74 27.59 16.82
O30 HD2 E . -24.94 27.12 16.19
C31 HD2 E . -25.11 25.73 16.51
H1 HD2 E . -24.26 20.56 16.95
H8 HD2 E . -21.06 20.10 13.42
H7 HD2 E . -21.99 25.06 16.12
H27 HD2 E . -24.01 24.51 17.92
H91C HD2 E . -21.94 20.80 11.49
H92C HD2 E . -22.75 22.14 12.29
H121 HD2 E . -19.62 22.20 14.58
H122 HD2 E . -19.05 20.99 13.41
H101 HD2 E . -20.42 22.23 10.60
H102 HD2 E . -21.31 23.57 11.32
H111 HD2 E . -18.72 22.75 12.02
H112 HD2 E . -19.76 23.83 12.97
H15 HD2 E . -22.32 19.01 17.09
H16 HD2 E . -21.73 16.83 15.62
H17 HD2 E . -24.10 16.70 14.79
H21 HD2 E . -21.37 17.14 18.08
H181 HD2 E . -25.23 17.67 16.79
H182 HD2 E . -25.88 16.08 16.39
H251 HD2 E . -24.41 14.33 15.37
H252 HD2 E . -22.71 14.68 15.03
H19 HD2 E . -25.47 16.27 18.82
H201 HD2 E . -23.15 16.50 19.63
H202 HD2 E . -23.64 17.92 18.71
H241 HD2 E . -25.20 14.08 17.68
H242 HD2 E . -24.08 14.24 19.05
H221 HD2 E . -21.09 14.96 16.98
H222 HD2 E . -21.69 14.77 18.63
H26 HD2 E . -23.63 12.49 17.14
H281 HD2 E . -23.63 26.64 18.75
H282 HD2 E . -22.16 26.48 17.78
H311 HD2 E . -25.94 25.62 17.20
H312 HD2 E . -25.33 25.19 15.59
H291 HD2 E . -23.97 28.50 17.38
H292 HD2 E . -23.00 27.82 16.05
S DMS F . -13.34 -4.33 -6.19
O DMS F . -12.14 -5.06 -6.39
C1 DMS F . -14.60 -5.03 -7.30
C2 DMS F . -13.23 -2.66 -6.91
S DMS G . 11.91 -13.79 -30.12
O DMS G . 11.38 -13.03 -29.08
C1 DMS G . 13.48 -13.08 -30.65
C2 DMS G . 10.89 -13.70 -31.63
C1 HD2 H . -21.55 9.19 9.13
C2 HD2 H . -21.90 8.07 9.88
C3 HD2 H . -22.48 7.03 9.20
N4 HD2 H . -22.74 7.12 7.88
C5 HD2 H . -22.39 8.25 7.24
N6 HD2 H . -21.77 9.28 7.82
N7 HD2 H . -22.65 8.37 5.87
C8 HD2 H . -22.87 5.72 9.83
C9 HD2 H . -24.33 5.39 9.62
C10 HD2 H . -24.36 3.88 9.53
C11 HD2 H . -23.00 3.42 9.08
C12 HD2 H . -22.06 4.60 9.22
C13 HD2 H . -21.68 8.13 11.34
O14 HD2 H . -22.60 7.80 12.09
N15 HD2 H . -20.46 8.64 11.73
C16 HD2 H . -20.17 9.08 13.07
C17 HD2 H . -21.14 10.11 13.66
C18 HD2 H . -21.10 11.41 12.85
C19 HD2 H . -19.67 11.96 12.84
C20 HD2 H . -18.69 10.96 12.27
C21 HD2 H . -18.76 9.67 13.07
C22 HD2 H . -18.38 9.99 14.49
C23 HD2 H . -19.32 11.01 15.10
C24 HD2 H . -19.24 12.28 14.26
C25 HD2 H . -20.73 10.44 15.09
O26 HD2 H . -18.91 11.24 16.43
C27 HD2 H . -23.65 7.49 5.28
C28 HD2 H . -23.93 7.93 3.88
C29 HD2 H . -24.27 6.63 3.20
O30 HD2 H . -23.47 5.63 3.82
C31 HD2 H . -23.20 6.05 5.15
H1 HD2 H . -21.13 10.06 9.61
H8 HD2 H . -22.67 5.73 10.90
H7 HD2 H . -21.90 8.72 5.29
H27 HD2 H . -24.56 7.53 5.88
H91C HD2 H . -24.92 5.72 10.47
H92C HD2 H . -24.75 5.82 8.71
H121 HD2 H . -21.62 4.86 8.25
H122 HD2 H . -21.25 4.35 9.90
H101 HD2 H . -24.59 3.45 10.52
H102 HD2 H . -25.13 3.56 8.82
H111 HD2 H . -22.66 2.59 9.70
H112 HD2 H . -23.04 3.10 8.04
H15 HD2 H . -19.72 8.61 11.05
H16 HD2 H . -20.18 8.18 13.70
H17 HD2 H . -22.15 9.73 13.66
H21 HD2 H . -18.05 8.95 12.66
H181 HD2 H . -21.44 11.22 11.84
H182 HD2 H . -21.77 12.13 13.32
H251 HD2 H . -21.42 11.16 15.53
H252 HD2 H . -20.76 9.53 15.70
H19 HD2 H . -19.64 12.89 12.24
H201 HD2 H . -17.67 11.36 12.33
H202 HD2 H . -18.91 10.78 11.22
H241 HD2 H . -19.91 13.04 14.69
H242 HD2 H . -18.23 12.68 14.28
H221 HD2 H . -18.46 9.08 15.05
H222 HD2 H . -17.34 10.34 14.55
H26 HD2 H . -19.25 12.11 16.71
H281 HD2 H . -24.78 8.62 3.85
H282 HD2 H . -23.08 8.40 3.41
H311 HD2 H . -22.14 5.94 5.36
H312 HD2 H . -23.77 5.40 5.83
H291 HD2 H . -25.32 6.38 3.37
H292 HD2 H . -24.07 6.66 2.14
#